data_1IOV
#
_entry.id   1IOV
#
_cell.length_a   98.600
_cell.length_b   51.000
_cell.length_c   51.200
_cell.angle_alpha   90.00
_cell.angle_beta   90.00
_cell.angle_gamma   90.00
#
_symmetry.space_group_name_H-M   'P 21 21 2'
#
loop_
_entity.id
_entity.type
_entity.pdbx_description
1 polymer 'D-ALA\:D-ALA LIGASE'
2 non-polymer 'MAGNESIUM ION'
3 non-polymer "ADENOSINE-5'-DIPHOSPHATE"
4 non-polymer '2-[(1-AMINO-ETHYL)-PHOSPHATE-PHOSPHINOYLOXY]-BUTYRIC ACID'
5 water water
#
_entity_poly.entity_id   1
_entity_poly.type   'polypeptide(L)'
_entity_poly.pdbx_seq_one_letter_code
;MTDKIAVLLGGTSAEREVSLNSGAAVLAGLREGGIDAYPVDPKEVDVTQLKSMGFQKVFIALHGRGGEDGTLQGMLELMG
LPYTGSGVMASALSMDKLRSKLLWQGAGLPVAPWVALTRAEFEKGLSDKQLAEISALGLPVIVKPSREGSSVGMSKVVAE
NALQDALRLAFQHDEEVLIEKWLSGPEFTVAILGEEILPSIRIQPSGTFYDYEAKYLSDETQYFCPAGLEASQEANLQAL
VLKAWTTLGCKGWGRIDVMLDSDGQFYLLEANTSPGMTSHSLVPMAARQAGMSFSQLVVRILELAD
;
_entity_poly.pdbx_strand_id   A
#
# COMPACT_ATOMS: atom_id res chain seq x y z
N MET A 1 -18.63 23.49 -1.96
CA MET A 1 -19.95 23.90 -2.53
C MET A 1 -19.92 23.72 -4.04
N THR A 2 -21.06 23.32 -4.57
CA THR A 2 -21.16 23.09 -6.03
C THR A 2 -20.22 21.88 -6.29
N ASP A 3 -19.02 22.17 -5.79
CA ASP A 3 -17.87 21.28 -5.83
C ASP A 3 -18.01 20.41 -4.56
N LYS A 4 -19.01 19.56 -4.70
CA LYS A 4 -19.43 18.55 -3.71
C LYS A 4 -18.38 17.43 -3.89
N ILE A 5 -17.61 17.24 -2.87
CA ILE A 5 -16.55 16.20 -2.88
C ILE A 5 -17.08 14.93 -2.24
N ALA A 6 -16.64 13.81 -2.77
CA ALA A 6 -17.05 12.50 -2.28
C ALA A 6 -15.82 11.73 -1.82
N VAL A 7 -15.91 11.31 -0.56
CA VAL A 7 -14.85 10.53 0.10
C VAL A 7 -15.39 9.10 0.16
N LEU A 8 -14.86 8.26 -0.71
CA LEU A 8 -15.28 6.84 -0.79
C LEU A 8 -14.59 6.09 0.34
N LEU A 9 -15.40 5.70 1.30
CA LEU A 9 -14.93 4.98 2.50
C LEU A 9 -15.58 3.60 2.61
N GLY A 10 -14.85 2.73 3.27
CA GLY A 10 -15.19 1.36 3.56
C GLY A 10 -15.04 0.38 2.40
N GLY A 11 -16.17 0.11 1.75
CA GLY A 11 -16.26 -0.81 0.61
C GLY A 11 -16.33 -2.23 1.18
N THR A 12 -15.83 -3.19 0.42
CA THR A 12 -15.84 -4.59 0.87
C THR A 12 -14.53 -5.32 0.95
N SER A 13 -13.41 -4.61 1.00
CA SER A 13 -12.11 -5.32 1.09
C SER A 13 -11.99 -5.85 2.52
N ALA A 14 -10.83 -6.43 2.79
CA ALA A 14 -10.47 -6.99 4.07
C ALA A 14 -9.95 -5.84 4.96
N GLU A 15 -9.79 -4.72 4.32
CA GLU A 15 -9.28 -3.46 4.81
C GLU A 15 -10.33 -2.37 5.05
N ARG A 16 -11.58 -2.76 4.91
CA ARG A 16 -12.79 -1.98 5.08
C ARG A 16 -12.92 -1.17 6.37
N GLU A 17 -12.43 -1.66 7.49
CA GLU A 17 -12.55 -0.94 8.77
C GLU A 17 -11.50 0.15 8.86
N VAL A 18 -10.37 -0.12 8.23
CA VAL A 18 -9.23 0.80 8.15
C VAL A 18 -9.71 1.92 7.18
N SER A 19 -10.34 1.41 6.11
CA SER A 19 -10.86 2.30 5.05
C SER A 19 -11.74 3.36 5.72
N LEU A 20 -12.73 2.88 6.44
CA LEU A 20 -13.75 3.62 7.18
C LEU A 20 -13.11 4.61 8.17
N ASN A 21 -11.95 4.21 8.66
CA ASN A 21 -11.20 5.07 9.60
C ASN A 21 -10.51 6.19 8.83
N SER A 22 -10.02 5.88 7.64
CA SER A 22 -9.36 6.85 6.77
C SER A 22 -10.36 7.93 6.34
N GLY A 23 -11.51 7.49 5.86
CA GLY A 23 -12.62 8.30 5.39
C GLY A 23 -13.11 9.31 6.43
N ALA A 24 -13.26 8.83 7.64
CA ALA A 24 -13.72 9.59 8.80
C ALA A 24 -12.75 10.75 9.10
N ALA A 25 -11.49 10.51 8.91
CA ALA A 25 -10.37 11.43 9.13
C ALA A 25 -10.14 12.42 7.99
N VAL A 26 -10.28 11.94 6.77
CA VAL A 26 -10.13 12.73 5.53
C VAL A 26 -11.39 13.60 5.37
N LEU A 27 -12.50 13.05 5.86
CA LEU A 27 -13.81 13.71 5.83
C LEU A 27 -13.71 14.98 6.70
N ALA A 28 -13.16 14.81 7.89
CA ALA A 28 -12.93 15.86 8.88
C ALA A 28 -11.96 16.93 8.35
N GLY A 29 -10.88 16.36 7.85
CA GLY A 29 -9.75 17.07 7.25
C GLY A 29 -10.26 17.96 6.11
N LEU A 30 -11.03 17.39 5.20
CA LEU A 30 -11.56 18.18 4.08
C LEU A 30 -12.55 19.25 4.54
N ARG A 31 -13.22 18.94 5.65
CA ARG A 31 -14.24 19.83 6.22
C ARG A 31 -13.59 20.97 7.01
N GLU A 32 -12.42 20.74 7.59
CA GLU A 32 -11.69 21.77 8.34
C GLU A 32 -11.08 22.76 7.33
N GLY A 33 -10.73 22.18 6.20
CA GLY A 33 -10.14 22.79 5.04
C GLY A 33 -11.14 23.62 4.24
N GLY A 34 -12.40 23.47 4.59
CA GLY A 34 -13.50 24.18 3.96
C GLY A 34 -14.16 23.56 2.74
N ILE A 35 -14.07 22.25 2.59
CA ILE A 35 -14.70 21.54 1.47
C ILE A 35 -15.98 20.84 1.88
N ASP A 36 -16.92 20.79 0.96
CA ASP A 36 -18.22 20.07 1.25
C ASP A 36 -17.92 18.62 0.85
N ALA A 37 -17.60 17.83 1.84
CA ALA A 37 -17.24 16.41 1.69
C ALA A 37 -18.39 15.49 2.09
N TYR A 38 -18.39 14.29 1.51
CA TYR A 38 -19.40 13.27 1.75
C TYR A 38 -18.96 11.82 1.83
N PRO A 39 -19.46 11.21 2.91
CA PRO A 39 -19.23 9.78 3.19
C PRO A 39 -20.13 8.98 2.25
N VAL A 40 -19.44 8.41 1.27
CA VAL A 40 -20.02 7.59 0.20
C VAL A 40 -19.42 6.19 0.36
N ASP A 41 -20.14 5.32 1.02
CA ASP A 41 -19.69 3.94 1.24
C ASP A 41 -20.26 3.12 0.07
N PRO A 42 -19.32 2.65 -0.73
CA PRO A 42 -19.68 1.82 -1.89
C PRO A 42 -20.43 0.58 -1.49
N LYS A 43 -20.44 0.28 -0.20
CA LYS A 43 -21.11 -0.90 0.37
C LYS A 43 -22.57 -0.61 0.68
N GLU A 44 -23.06 0.45 0.09
CA GLU A 44 -24.46 0.91 0.21
C GLU A 44 -24.85 1.60 -1.09
N VAL A 45 -24.33 2.79 -1.22
CA VAL A 45 -24.51 3.65 -2.39
C VAL A 45 -23.82 3.13 -3.64
N ASP A 46 -24.56 3.00 -4.72
CA ASP A 46 -23.99 2.54 -6.01
C ASP A 46 -23.11 3.71 -6.50
N VAL A 47 -21.82 3.51 -6.52
CA VAL A 47 -20.84 4.53 -6.91
C VAL A 47 -20.96 4.90 -8.38
N THR A 48 -21.88 4.26 -9.05
CA THR A 48 -22.15 4.47 -10.48
C THR A 48 -23.00 5.71 -10.67
N GLN A 49 -23.88 5.94 -9.71
CA GLN A 49 -24.77 7.12 -9.78
C GLN A 49 -24.08 8.29 -9.09
N LEU A 50 -22.77 8.15 -8.89
CA LEU A 50 -21.92 9.15 -8.24
C LEU A 50 -22.00 10.43 -9.09
N LYS A 51 -22.18 10.15 -10.36
CA LYS A 51 -22.28 11.23 -11.37
C LYS A 51 -23.62 11.93 -11.22
N SER A 52 -24.65 11.13 -11.02
CA SER A 52 -26.03 11.55 -10.83
C SER A 52 -26.23 12.30 -9.52
N MET A 53 -25.37 12.08 -8.56
CA MET A 53 -25.47 12.75 -7.25
C MET A 53 -24.94 14.15 -7.17
N GLY A 54 -24.28 14.67 -8.19
CA GLY A 54 -23.77 16.03 -8.21
C GLY A 54 -22.36 16.19 -7.67
N PHE A 55 -21.66 15.08 -7.51
CA PHE A 55 -20.25 15.17 -7.04
C PHE A 55 -19.44 15.71 -8.21
N GLN A 56 -18.49 16.56 -7.89
CA GLN A 56 -17.65 17.16 -8.96
C GLN A 56 -16.25 16.58 -8.90
N LYS A 57 -15.98 16.02 -7.73
CA LYS A 57 -14.64 15.42 -7.46
C LYS A 57 -14.83 14.28 -6.47
N VAL A 58 -13.84 13.40 -6.46
CA VAL A 58 -13.88 12.23 -5.58
C VAL A 58 -12.56 11.97 -4.87
N PHE A 59 -12.69 11.71 -3.58
CA PHE A 59 -11.53 11.43 -2.72
C PHE A 59 -11.57 9.92 -2.42
N ILE A 60 -10.63 9.19 -2.94
CA ILE A 60 -10.49 7.75 -2.73
C ILE A 60 -9.83 7.45 -1.40
N ALA A 61 -10.68 7.28 -0.40
CA ALA A 61 -10.30 6.99 0.97
C ALA A 61 -10.56 5.50 1.25
N LEU A 62 -10.37 4.75 0.19
CA LEU A 62 -10.55 3.29 0.12
C LEU A 62 -9.22 2.58 -0.11
N HIS A 63 -9.13 1.41 0.51
CA HIS A 63 -7.96 0.55 0.48
C HIS A 63 -8.36 -0.86 0.02
N GLY A 64 -7.59 -1.41 -0.88
CA GLY A 64 -7.76 -2.74 -1.41
C GLY A 64 -8.54 -2.92 -2.69
N ARG A 65 -8.60 -4.20 -3.07
CA ARG A 65 -9.33 -4.61 -4.30
C ARG A 65 -10.73 -4.00 -4.13
N GLY A 66 -11.23 -3.46 -5.22
CA GLY A 66 -12.57 -2.83 -5.23
C GLY A 66 -12.36 -1.32 -5.26
N GLY A 67 -11.40 -0.86 -4.49
CA GLY A 67 -11.03 0.52 -4.34
C GLY A 67 -9.63 0.97 -4.70
N GLU A 68 -8.63 0.13 -4.67
CA GLU A 68 -7.25 0.50 -4.98
C GLU A 68 -6.70 -0.03 -6.27
N ASP A 69 -7.39 -0.97 -6.89
CA ASP A 69 -6.89 -1.51 -8.17
C ASP A 69 -7.42 -0.54 -9.22
N GLY A 70 -7.36 -0.90 -10.48
CA GLY A 70 -7.82 0.04 -11.52
C GLY A 70 -9.30 0.08 -11.79
N THR A 71 -10.03 -0.77 -11.10
CA THR A 71 -11.49 -0.89 -11.26
C THR A 71 -12.23 0.40 -11.10
N LEU A 72 -12.38 0.92 -9.89
CA LEU A 72 -13.13 2.15 -9.66
C LEU A 72 -12.68 3.31 -10.56
N GLN A 73 -11.38 3.45 -10.66
CA GLN A 73 -10.71 4.49 -11.44
C GLN A 73 -11.16 4.55 -12.88
N GLY A 74 -11.39 3.35 -13.40
CA GLY A 74 -11.84 3.15 -14.78
C GLY A 74 -13.22 3.78 -14.94
N MET A 75 -14.02 3.52 -13.94
CA MET A 75 -15.39 4.04 -13.87
C MET A 75 -15.30 5.58 -13.92
N LEU A 76 -14.74 6.14 -12.88
CA LEU A 76 -14.54 7.54 -12.64
C LEU A 76 -14.11 8.30 -13.89
N GLU A 77 -13.14 7.77 -14.60
CA GLU A 77 -12.57 8.25 -15.83
C GLU A 77 -13.59 8.34 -16.97
N LEU A 78 -14.48 7.35 -17.01
CA LEU A 78 -15.52 7.30 -18.05
C LEU A 78 -16.66 8.22 -17.65
N MET A 79 -16.84 8.42 -16.37
CA MET A 79 -17.87 9.31 -15.82
C MET A 79 -17.49 10.78 -16.09
N GLY A 80 -16.23 11.10 -15.94
CA GLY A 80 -15.70 12.44 -16.17
C GLY A 80 -15.38 13.16 -14.87
N LEU A 81 -15.26 12.41 -13.81
CA LEU A 81 -15.00 12.89 -12.46
C LEU A 81 -13.55 12.67 -12.06
N PRO A 82 -12.95 13.71 -11.54
CA PRO A 82 -11.56 13.62 -11.11
C PRO A 82 -11.51 12.85 -9.79
N TYR A 83 -10.39 12.19 -9.57
CA TYR A 83 -10.18 11.43 -8.31
C TYR A 83 -8.75 11.77 -7.90
N THR A 84 -8.45 11.56 -6.62
CA THR A 84 -7.19 11.88 -6.03
C THR A 84 -5.91 11.18 -6.35
N GLY A 85 -5.78 9.88 -6.57
CA GLY A 85 -4.40 9.38 -6.86
C GLY A 85 -4.21 8.70 -8.19
N SER A 86 -3.20 7.88 -8.27
CA SER A 86 -2.73 7.06 -9.38
C SER A 86 -3.82 6.61 -10.35
N GLY A 87 -3.45 6.77 -11.63
CA GLY A 87 -4.31 6.44 -12.75
C GLY A 87 -4.73 4.98 -12.68
N VAL A 88 -5.42 4.54 -13.69
CA VAL A 88 -5.93 3.19 -13.84
C VAL A 88 -4.82 2.15 -13.82
N MET A 89 -3.80 2.33 -14.65
CA MET A 89 -2.74 1.33 -14.72
C MET A 89 -1.87 1.23 -13.48
N ALA A 90 -1.55 2.35 -12.88
CA ALA A 90 -0.67 2.38 -11.69
C ALA A 90 -1.35 1.87 -10.43
N SER A 91 -2.65 1.75 -10.43
CA SER A 91 -3.48 1.26 -9.36
C SER A 91 -3.59 -0.27 -9.45
N ALA A 92 -3.60 -0.75 -10.69
CA ALA A 92 -3.71 -2.20 -10.92
C ALA A 92 -2.36 -2.86 -10.75
N LEU A 93 -1.32 -2.09 -11.09
CA LEU A 93 0.06 -2.56 -10.99
C LEU A 93 0.54 -2.69 -9.55
N SER A 94 0.21 -1.66 -8.81
CA SER A 94 0.58 -1.50 -7.41
C SER A 94 -0.08 -2.52 -6.50
N MET A 95 -1.30 -2.88 -6.81
CA MET A 95 -2.11 -3.82 -6.04
C MET A 95 -1.61 -5.24 -6.24
N ASP A 96 -0.82 -5.46 -7.28
CA ASP A 96 -0.26 -6.80 -7.59
C ASP A 96 1.22 -6.76 -7.16
N LYS A 97 1.45 -7.39 -6.03
CA LYS A 97 2.80 -7.45 -5.44
C LYS A 97 3.64 -8.29 -6.40
N LEU A 98 2.96 -9.19 -7.10
CA LEU A 98 3.61 -10.10 -8.05
C LEU A 98 4.05 -9.45 -9.35
N ARG A 99 3.20 -8.63 -9.89
CA ARG A 99 3.49 -7.92 -11.15
C ARG A 99 4.30 -6.68 -10.90
N SER A 100 4.11 -6.06 -9.76
CA SER A 100 4.84 -4.84 -9.37
C SER A 100 6.32 -5.18 -9.20
N LYS A 101 6.49 -6.44 -8.85
CA LYS A 101 7.78 -7.06 -8.63
C LYS A 101 8.52 -7.36 -9.94
N LEU A 102 7.86 -7.89 -10.93
CA LEU A 102 8.49 -8.23 -12.22
C LEU A 102 8.87 -6.99 -13.01
N LEU A 103 8.11 -5.94 -12.87
CA LEU A 103 8.33 -4.68 -13.58
C LEU A 103 9.53 -3.94 -13.02
N TRP A 104 9.61 -3.95 -11.70
CA TRP A 104 10.70 -3.36 -10.92
C TRP A 104 12.02 -4.07 -11.17
N GLN A 105 11.93 -5.37 -11.18
CA GLN A 105 13.07 -6.28 -11.44
C GLN A 105 13.42 -6.16 -12.93
N GLY A 106 12.37 -5.81 -13.67
CA GLY A 106 12.42 -5.63 -15.14
C GLY A 106 13.33 -4.46 -15.48
N ALA A 107 13.20 -3.43 -14.68
CA ALA A 107 13.96 -2.18 -14.78
C ALA A 107 15.20 -2.18 -13.91
N GLY A 108 15.59 -3.32 -13.40
CA GLY A 108 16.74 -3.49 -12.54
C GLY A 108 16.58 -2.87 -11.16
N LEU A 109 15.37 -2.80 -10.63
CA LEU A 109 15.20 -2.23 -9.26
C LEU A 109 15.52 -3.36 -8.27
N PRO A 110 16.06 -2.96 -7.14
CA PRO A 110 16.42 -3.92 -6.09
C PRO A 110 15.15 -4.49 -5.46
N VAL A 111 14.78 -5.66 -5.95
CA VAL A 111 13.56 -6.40 -5.50
C VAL A 111 13.99 -7.65 -4.76
N ALA A 112 13.23 -8.09 -3.79
CA ALA A 112 13.64 -9.27 -3.00
C ALA A 112 13.33 -10.52 -3.79
N PRO A 113 14.19 -11.52 -3.60
CA PRO A 113 14.04 -12.81 -4.30
C PRO A 113 12.72 -13.41 -3.86
N TRP A 114 11.93 -13.87 -4.81
CA TRP A 114 10.60 -14.44 -4.55
C TRP A 114 10.41 -15.73 -5.36
N VAL A 115 9.24 -16.30 -5.16
CA VAL A 115 8.78 -17.51 -5.83
C VAL A 115 7.24 -17.51 -5.78
N ALA A 116 6.65 -17.22 -6.92
CA ALA A 116 5.19 -17.18 -7.00
C ALA A 116 4.62 -18.59 -7.09
N LEU A 117 3.41 -18.68 -6.56
CA LEU A 117 2.59 -19.89 -6.54
C LEU A 117 1.16 -19.39 -6.81
N THR A 118 0.41 -20.21 -7.49
CA THR A 118 -1.01 -19.95 -7.79
C THR A 118 -1.75 -20.93 -6.86
N ARG A 119 -3.05 -20.75 -6.72
CA ARG A 119 -3.80 -21.66 -5.85
C ARG A 119 -3.86 -23.04 -6.51
N ALA A 120 -4.04 -23.09 -7.81
CA ALA A 120 -4.10 -24.33 -8.59
C ALA A 120 -2.81 -25.16 -8.53
N GLU A 121 -1.68 -24.50 -8.37
CA GLU A 121 -0.40 -25.24 -8.28
C GLU A 121 -0.32 -25.77 -6.84
N PHE A 122 -1.06 -25.10 -5.98
CA PHE A 122 -1.20 -25.34 -4.55
C PHE A 122 -2.04 -26.55 -4.18
N GLU A 123 -3.23 -26.67 -4.72
CA GLU A 123 -4.13 -27.80 -4.44
C GLU A 123 -3.86 -29.05 -5.29
N LYS A 124 -2.69 -29.11 -5.87
CA LYS A 124 -2.15 -30.15 -6.76
C LYS A 124 -1.01 -30.95 -6.14
N GLY A 125 -0.20 -30.22 -5.41
CA GLY A 125 0.99 -30.66 -4.71
C GLY A 125 2.22 -30.05 -5.42
N LEU A 126 2.59 -28.86 -4.98
CA LEU A 126 3.76 -28.14 -5.54
C LEU A 126 4.89 -29.19 -5.66
N SER A 127 5.58 -29.16 -6.78
CA SER A 127 6.69 -30.11 -7.02
C SER A 127 7.57 -30.18 -5.78
N ASP A 128 7.96 -31.39 -5.47
CA ASP A 128 8.83 -31.69 -4.29
C ASP A 128 10.22 -31.22 -4.80
N LYS A 129 10.04 -30.51 -5.92
CA LYS A 129 11.06 -29.93 -6.76
C LYS A 129 10.82 -28.44 -7.00
N GLN A 130 9.79 -27.95 -6.35
CA GLN A 130 9.37 -26.53 -6.45
C GLN A 130 9.74 -25.92 -5.09
N LEU A 131 10.22 -26.83 -4.27
CA LEU A 131 10.66 -26.52 -2.89
C LEU A 131 12.16 -26.24 -2.96
N ALA A 132 12.67 -26.68 -4.10
CA ALA A 132 14.08 -26.54 -4.48
C ALA A 132 14.25 -25.04 -4.81
N GLU A 133 13.15 -24.53 -5.30
CA GLU A 133 12.99 -23.12 -5.67
C GLU A 133 12.99 -22.29 -4.39
N ILE A 134 11.95 -22.56 -3.62
CA ILE A 134 11.66 -21.97 -2.33
C ILE A 134 12.75 -22.12 -1.27
N SER A 135 13.46 -23.23 -1.28
CA SER A 135 14.49 -23.44 -0.27
C SER A 135 15.85 -22.91 -0.68
N ALA A 136 15.92 -22.36 -1.87
CA ALA A 136 17.17 -21.77 -2.39
C ALA A 136 17.08 -20.27 -2.10
N LEU A 137 16.05 -19.99 -1.32
CA LEU A 137 15.74 -18.60 -0.92
C LEU A 137 16.27 -18.28 0.47
N GLY A 138 16.43 -19.37 1.21
CA GLY A 138 16.90 -19.33 2.58
C GLY A 138 15.72 -19.44 3.56
N LEU A 139 16.11 -19.20 4.80
CA LEU A 139 15.23 -19.23 5.95
C LEU A 139 15.53 -17.96 6.79
N PRO A 140 14.47 -17.29 7.20
CA PRO A 140 13.07 -17.65 6.87
C PRO A 140 12.76 -17.03 5.51
N VAL A 141 11.48 -17.03 5.25
CA VAL A 141 10.82 -16.49 4.07
C VAL A 141 9.45 -15.98 4.56
N ILE A 142 8.99 -14.92 3.98
CA ILE A 142 7.66 -14.37 4.37
C ILE A 142 6.77 -14.62 3.14
N VAL A 143 5.69 -15.29 3.42
CA VAL A 143 4.66 -15.71 2.46
C VAL A 143 3.52 -14.70 2.54
N LYS A 144 3.14 -14.18 1.37
CA LYS A 144 2.07 -13.18 1.37
C LYS A 144 1.09 -13.19 0.24
N PRO A 145 -0.14 -12.77 0.59
CA PRO A 145 -1.20 -12.64 -0.42
C PRO A 145 -0.71 -11.54 -1.39
N SER A 146 -0.76 -11.85 -2.65
CA SER A 146 -0.36 -11.03 -3.76
C SER A 146 -0.96 -9.62 -3.78
N ARG A 147 -2.29 -9.59 -3.67
CA ARG A 147 -3.05 -8.34 -3.76
C ARG A 147 -3.72 -7.84 -2.51
N GLU A 148 -3.00 -7.90 -1.41
CA GLU A 148 -3.54 -7.44 -0.11
C GLU A 148 -2.73 -6.25 0.41
N GLY A 149 -3.29 -5.65 1.43
CA GLY A 149 -2.66 -4.48 2.10
C GLY A 149 -2.88 -4.75 3.60
N SER A 150 -2.37 -3.89 4.44
CA SER A 150 -2.48 -3.96 5.88
C SER A 150 -2.01 -5.31 6.45
N SER A 151 -0.97 -5.85 5.84
CA SER A 151 -0.40 -7.11 6.31
C SER A 151 -1.44 -8.20 6.53
N VAL A 152 -2.31 -8.48 5.57
CA VAL A 152 -3.33 -9.55 5.71
C VAL A 152 -2.80 -10.82 5.01
N GLY A 153 -3.12 -11.95 5.62
CA GLY A 153 -2.73 -13.27 5.14
C GLY A 153 -1.24 -13.55 5.23
N MET A 154 -0.44 -12.55 5.56
CA MET A 154 1.02 -12.72 5.68
C MET A 154 1.35 -13.68 6.84
N SER A 155 2.43 -14.38 6.63
CA SER A 155 2.87 -15.38 7.63
C SER A 155 4.34 -15.65 7.39
N LYS A 156 5.15 -15.43 8.39
CA LYS A 156 6.58 -15.70 8.31
C LYS A 156 6.70 -17.23 8.54
N VAL A 157 7.53 -17.78 7.66
CA VAL A 157 7.82 -19.22 7.69
C VAL A 157 9.31 -19.43 7.79
N VAL A 158 9.61 -19.90 8.99
CA VAL A 158 11.03 -20.23 9.35
C VAL A 158 10.93 -21.76 9.39
N ALA A 159 11.55 -22.35 8.40
CA ALA A 159 11.55 -23.81 8.20
C ALA A 159 10.53 -24.16 7.11
N GLU A 160 10.96 -25.05 6.23
CA GLU A 160 10.19 -25.54 5.08
C GLU A 160 8.88 -26.18 5.52
N ASN A 161 8.97 -26.81 6.67
CA ASN A 161 7.90 -27.53 7.35
C ASN A 161 6.79 -26.61 7.86
N ALA A 162 7.02 -25.32 7.88
CA ALA A 162 6.00 -24.37 8.35
C ALA A 162 5.32 -23.64 7.21
N LEU A 163 5.63 -23.96 5.99
CA LEU A 163 5.16 -23.35 4.75
C LEU A 163 3.77 -23.70 4.26
N GLN A 164 3.49 -24.97 4.16
CA GLN A 164 2.19 -25.50 3.69
C GLN A 164 1.05 -24.71 4.30
N ASP A 165 1.13 -24.49 5.61
CA ASP A 165 0.16 -23.73 6.39
C ASP A 165 0.24 -22.22 6.11
N ALA A 166 1.46 -21.73 5.97
CA ALA A 166 1.63 -20.29 5.70
C ALA A 166 0.89 -19.97 4.42
N LEU A 167 0.95 -20.94 3.51
CA LEU A 167 0.32 -20.87 2.19
C LEU A 167 -1.19 -21.07 2.23
N ARG A 168 -1.72 -21.91 3.10
CA ARG A 168 -3.18 -22.13 3.13
C ARG A 168 -3.89 -20.79 3.33
N LEU A 169 -3.40 -20.07 4.30
CA LEU A 169 -3.77 -18.75 4.80
C LEU A 169 -3.72 -17.66 3.73
N ALA A 170 -2.51 -17.40 3.30
CA ALA A 170 -2.24 -16.39 2.24
C ALA A 170 -3.23 -16.63 1.10
N PHE A 171 -3.44 -17.92 0.85
CA PHE A 171 -4.32 -18.44 -0.17
C PHE A 171 -5.78 -18.19 0.05
N GLN A 172 -6.22 -17.96 1.25
CA GLN A 172 -7.62 -17.69 1.57
C GLN A 172 -7.97 -16.24 1.21
N HIS A 173 -6.98 -15.53 0.72
CA HIS A 173 -7.06 -14.12 0.34
C HIS A 173 -6.72 -13.85 -1.12
N ASP A 174 -6.18 -14.83 -1.78
CA ASP A 174 -5.78 -14.70 -3.19
C ASP A 174 -5.37 -16.05 -3.75
N GLU A 175 -5.38 -16.15 -5.07
CA GLU A 175 -5.02 -17.34 -5.85
C GLU A 175 -3.61 -17.28 -6.39
N GLU A 176 -2.96 -16.15 -6.24
CA GLU A 176 -1.56 -15.92 -6.64
C GLU A 176 -0.93 -15.38 -5.33
N VAL A 177 0.10 -16.05 -4.91
CA VAL A 177 0.83 -15.72 -3.67
C VAL A 177 2.32 -15.64 -3.93
N LEU A 178 2.98 -14.73 -3.23
CA LEU A 178 4.43 -14.53 -3.35
C LEU A 178 5.08 -14.96 -2.01
N ILE A 179 6.06 -15.79 -2.20
CA ILE A 179 6.92 -16.37 -1.19
C ILE A 179 8.29 -15.66 -1.43
N GLU A 180 8.73 -14.92 -0.41
CA GLU A 180 9.99 -14.21 -0.58
C GLU A 180 10.88 -14.31 0.64
N LYS A 181 12.13 -13.99 0.32
CA LYS A 181 13.24 -13.98 1.26
C LYS A 181 12.92 -12.97 2.35
N TRP A 182 13.33 -13.38 3.55
CA TRP A 182 13.19 -12.56 4.74
C TRP A 182 14.43 -11.60 4.68
N LEU A 183 14.04 -10.34 4.80
CA LEU A 183 14.93 -9.20 4.83
C LEU A 183 15.31 -8.92 6.27
N SER A 184 16.59 -9.00 6.60
CA SER A 184 17.04 -8.78 8.00
C SER A 184 17.61 -7.37 8.13
N GLY A 185 16.73 -6.39 8.19
CA GLY A 185 17.23 -4.98 8.28
C GLY A 185 16.00 -4.14 8.60
N PRO A 186 16.25 -2.94 9.05
CA PRO A 186 15.16 -2.03 9.44
C PRO A 186 14.13 -1.94 8.32
N GLU A 187 12.96 -1.47 8.66
CA GLU A 187 11.84 -1.32 7.73
C GLU A 187 11.52 0.17 7.54
N PHE A 188 11.37 0.49 6.27
CA PHE A 188 11.12 1.84 5.82
C PHE A 188 9.91 1.89 4.90
N THR A 189 9.38 3.11 4.89
CA THR A 189 8.28 3.61 4.12
C THR A 189 8.56 5.11 3.83
N VAL A 190 8.28 5.41 2.56
CA VAL A 190 8.43 6.76 2.02
C VAL A 190 7.06 7.10 1.39
N ALA A 191 6.72 8.35 1.57
CA ALA A 191 5.46 8.90 1.08
C ALA A 191 5.69 9.97 0.03
N ILE A 192 4.95 9.83 -1.06
CA ILE A 192 4.95 10.75 -2.17
C ILE A 192 3.67 11.61 -2.11
N LEU A 193 3.92 12.87 -2.44
CA LEU A 193 2.88 13.89 -2.52
C LEU A 193 3.22 14.78 -3.73
N GLY A 194 2.38 14.59 -4.72
CA GLY A 194 2.60 15.30 -6.02
C GLY A 194 3.94 14.63 -6.47
N GLU A 195 4.93 15.48 -6.69
CA GLU A 195 6.25 14.95 -7.09
C GLU A 195 7.24 15.11 -5.95
N GLU A 196 6.69 15.53 -4.81
CA GLU A 196 7.53 15.67 -3.62
C GLU A 196 7.42 14.34 -2.83
N ILE A 197 8.46 14.18 -2.03
CA ILE A 197 8.64 13.03 -1.16
C ILE A 197 8.93 13.51 0.27
N LEU A 198 8.03 13.14 1.15
CA LEU A 198 8.05 13.46 2.58
C LEU A 198 9.19 12.73 3.27
N PRO A 199 9.60 13.31 4.40
CA PRO A 199 10.69 12.73 5.21
C PRO A 199 10.43 11.24 5.42
N SER A 200 11.50 10.48 5.49
CA SER A 200 11.49 9.05 5.67
C SER A 200 11.11 8.66 7.11
N ILE A 201 10.36 7.56 7.19
CA ILE A 201 9.86 6.94 8.40
C ILE A 201 10.40 5.50 8.52
N ARG A 202 11.01 5.27 9.66
CA ARG A 202 11.53 3.96 10.00
C ARG A 202 10.57 3.42 11.10
N ILE A 203 9.99 2.30 10.78
CA ILE A 203 9.06 1.54 11.61
C ILE A 203 9.84 0.47 12.39
N GLN A 204 9.42 0.28 13.61
CA GLN A 204 10.06 -0.68 14.56
C GLN A 204 8.93 -1.29 15.38
N PRO A 205 8.37 -2.34 14.80
CA PRO A 205 7.23 -3.05 15.44
C PRO A 205 7.78 -3.80 16.62
N SER A 206 6.98 -3.96 17.66
CA SER A 206 7.47 -4.68 18.85
C SER A 206 7.18 -6.17 18.71
N GLY A 207 7.09 -6.64 17.49
CA GLY A 207 6.79 -8.07 17.24
C GLY A 207 7.86 -8.59 16.28
N THR A 208 7.39 -9.43 15.39
CA THR A 208 8.15 -10.12 14.36
C THR A 208 8.26 -9.40 13.00
N PHE A 209 7.15 -8.80 12.64
CA PHE A 209 6.97 -8.07 11.37
C PHE A 209 5.84 -7.06 11.66
N TYR A 210 5.76 -6.11 10.78
CA TYR A 210 4.75 -5.02 10.92
C TYR A 210 3.43 -5.69 10.57
N ASP A 211 2.96 -6.46 11.51
CA ASP A 211 1.71 -7.22 11.33
C ASP A 211 0.53 -6.26 11.48
N TYR A 212 -0.64 -6.76 11.18
CA TYR A 212 -1.88 -6.08 11.24
C TYR A 212 -2.12 -5.33 12.54
N GLU A 213 -1.87 -6.04 13.63
CA GLU A 213 -2.05 -5.51 14.99
C GLU A 213 -1.07 -4.37 15.27
N ALA A 214 0.16 -4.56 14.82
CA ALA A 214 1.24 -3.62 14.96
C ALA A 214 0.89 -2.31 14.25
N LYS A 215 0.40 -2.40 13.04
CA LYS A 215 0.01 -1.26 12.23
C LYS A 215 -1.15 -0.47 12.80
N TYR A 216 -2.09 -1.11 13.47
CA TYR A 216 -3.27 -0.41 13.99
C TYR A 216 -3.62 -0.53 15.44
N LEU A 217 -3.47 -1.69 16.01
CA LEU A 217 -3.82 -1.89 17.43
C LEU A 217 -2.61 -2.30 18.26
N SER A 218 -1.70 -1.37 18.42
CA SER A 218 -0.46 -1.56 19.20
C SER A 218 0.20 -0.18 19.39
N ASP A 219 0.68 0.01 20.61
CA ASP A 219 1.36 1.28 20.99
C ASP A 219 2.84 1.03 21.21
N GLU A 220 3.27 -0.22 21.05
CA GLU A 220 4.67 -0.62 21.17
C GLU A 220 5.46 -0.17 19.94
N THR A 221 4.78 -0.21 18.81
CA THR A 221 5.28 0.17 17.49
C THR A 221 5.93 1.55 17.53
N GLN A 222 7.22 1.58 17.26
CA GLN A 222 8.02 2.80 17.27
C GLN A 222 8.17 3.37 15.85
N TYR A 223 7.92 4.65 15.75
CA TYR A 223 7.97 5.45 14.54
C TYR A 223 9.04 6.54 14.57
N PHE A 224 10.02 6.41 13.69
CA PHE A 224 11.14 7.36 13.59
C PHE A 224 11.11 8.09 12.25
N CYS A 225 11.04 9.39 12.34
CA CYS A 225 10.99 10.28 11.18
C CYS A 225 11.83 11.55 11.38
N PRO A 226 12.82 11.75 10.52
CA PRO A 226 13.21 10.87 9.41
C PRO A 226 13.76 9.58 9.99
N ALA A 227 14.38 8.77 9.17
CA ALA A 227 14.96 7.48 9.54
C ALA A 227 16.15 7.58 10.47
N GLY A 228 16.74 8.75 10.55
CA GLY A 228 17.93 9.00 11.39
C GLY A 228 19.10 8.24 10.72
N LEU A 229 18.96 8.21 9.42
CA LEU A 229 19.86 7.54 8.47
C LEU A 229 20.89 8.55 7.94
N GLU A 230 22.08 8.07 7.66
CA GLU A 230 23.13 8.94 7.12
C GLU A 230 22.69 9.49 5.76
N ALA A 231 23.14 10.71 5.51
CA ALA A 231 22.82 11.43 4.28
C ALA A 231 23.31 10.76 3.03
N SER A 232 23.76 9.53 3.09
CA SER A 232 24.21 8.79 1.88
C SER A 232 23.05 7.85 1.50
N GLN A 233 22.78 7.01 2.46
CA GLN A 233 21.72 5.99 2.44
C GLN A 233 20.37 6.70 2.28
N GLU A 234 20.29 7.89 2.85
CA GLU A 234 19.05 8.70 2.83
C GLU A 234 18.76 9.14 1.40
N ALA A 235 19.85 9.45 0.73
CA ALA A 235 19.80 9.91 -0.69
C ALA A 235 19.43 8.74 -1.57
N ASN A 236 19.98 7.58 -1.25
CA ASN A 236 19.72 6.33 -1.96
C ASN A 236 18.23 5.99 -1.84
N LEU A 237 17.63 6.28 -0.68
CA LEU A 237 16.21 5.98 -0.48
C LEU A 237 15.33 6.74 -1.46
N GLN A 238 15.19 8.04 -1.31
CA GLN A 238 14.36 8.90 -2.19
C GLN A 238 14.49 8.54 -3.67
N ALA A 239 15.74 8.45 -4.07
CA ALA A 239 16.21 8.09 -5.41
C ALA A 239 15.46 6.85 -5.93
N LEU A 240 15.54 5.82 -5.11
CA LEU A 240 14.97 4.50 -5.36
C LEU A 240 13.46 4.48 -5.28
N VAL A 241 12.95 5.28 -4.39
CA VAL A 241 11.51 5.40 -4.13
C VAL A 241 10.83 6.04 -5.32
N LEU A 242 11.48 7.08 -5.82
CA LEU A 242 10.95 7.81 -6.97
C LEU A 242 11.09 7.02 -8.26
N LYS A 243 12.10 6.20 -8.34
CA LYS A 243 12.37 5.39 -9.54
C LYS A 243 11.30 4.31 -9.72
N ALA A 244 11.18 3.59 -8.64
CA ALA A 244 10.28 2.46 -8.42
C ALA A 244 8.84 2.96 -8.50
N TRP A 245 8.73 4.27 -8.40
CA TRP A 245 7.41 4.92 -8.43
C TRP A 245 7.02 5.38 -9.83
N THR A 246 7.97 5.93 -10.57
CA THR A 246 7.72 6.41 -11.94
C THR A 246 7.61 5.22 -12.90
N THR A 247 8.26 4.14 -12.49
CA THR A 247 8.32 2.88 -13.19
C THR A 247 6.90 2.26 -13.13
N LEU A 248 6.22 2.62 -12.06
CA LEU A 248 4.87 2.11 -11.78
C LEU A 248 3.80 2.91 -12.47
N GLY A 249 4.02 4.19 -12.66
CA GLY A 249 3.11 5.10 -13.36
C GLY A 249 2.17 5.85 -12.45
N CYS A 250 2.34 5.66 -11.17
CA CYS A 250 1.58 6.26 -10.08
C CYS A 250 1.68 7.77 -10.05
N LYS A 251 0.65 8.38 -9.44
CA LYS A 251 0.69 9.85 -9.37
C LYS A 251 -0.10 10.41 -8.22
N GLY A 252 0.07 11.70 -8.03
CA GLY A 252 -0.63 12.48 -7.01
C GLY A 252 -0.13 12.16 -5.61
N TRP A 253 -0.52 11.01 -5.10
CA TRP A 253 -0.07 10.64 -3.75
C TRP A 253 0.03 9.14 -3.63
N GLY A 254 0.98 8.72 -2.81
CA GLY A 254 1.19 7.26 -2.58
C GLY A 254 2.30 7.01 -1.55
N ARG A 255 2.58 5.75 -1.29
CA ARG A 255 3.58 5.32 -0.31
C ARG A 255 4.23 3.97 -0.63
N ILE A 256 5.55 3.95 -0.54
CA ILE A 256 6.42 2.81 -0.80
C ILE A 256 7.14 2.28 0.42
N ASP A 257 7.01 0.97 0.63
CA ASP A 257 7.62 0.23 1.73
C ASP A 257 8.87 -0.46 1.12
N VAL A 258 9.91 -0.23 1.85
CA VAL A 258 11.27 -0.71 1.54
C VAL A 258 11.84 -1.16 2.88
N MET A 259 12.81 -2.04 2.81
CA MET A 259 13.50 -2.59 3.97
C MET A 259 14.96 -2.88 3.52
N LEU A 260 15.81 -2.90 4.52
CA LEU A 260 17.23 -3.15 4.39
C LEU A 260 17.48 -4.65 4.52
N ASP A 261 18.59 -5.04 3.86
CA ASP A 261 19.03 -6.43 3.87
C ASP A 261 20.47 -6.43 4.45
N SER A 262 20.84 -7.66 4.81
CA SER A 262 22.17 -7.93 5.39
C SER A 262 23.25 -7.51 4.40
N ASP A 263 22.81 -7.26 3.18
CA ASP A 263 23.73 -6.85 2.10
C ASP A 263 24.03 -5.36 2.08
N GLY A 264 23.31 -4.58 2.84
CA GLY A 264 23.45 -3.14 2.95
C GLY A 264 22.52 -2.38 2.00
N GLN A 265 21.79 -3.15 1.24
CA GLN A 265 20.86 -2.65 0.23
C GLN A 265 19.39 -2.64 0.60
N PHE A 266 18.72 -1.75 -0.11
CA PHE A 266 17.31 -1.43 -0.05
C PHE A 266 16.49 -2.33 -0.98
N TYR A 267 15.44 -2.89 -0.38
CA TYR A 267 14.57 -3.79 -1.17
C TYR A 267 13.14 -3.32 -1.17
N LEU A 268 12.67 -2.94 -2.36
CA LEU A 268 11.29 -2.48 -2.53
C LEU A 268 10.39 -3.67 -2.20
N LEU A 269 9.55 -3.47 -1.21
CA LEU A 269 8.59 -4.52 -0.78
C LEU A 269 7.32 -4.48 -1.64
N GLU A 270 6.76 -3.26 -1.68
CA GLU A 270 5.52 -2.98 -2.42
C GLU A 270 5.24 -1.49 -2.48
N ALA A 271 4.12 -1.13 -3.08
CA ALA A 271 3.70 0.27 -3.20
C ALA A 271 2.20 0.41 -2.93
N ASN A 272 1.81 1.55 -2.39
CA ASN A 272 0.40 1.86 -2.06
C ASN A 272 -0.11 3.17 -2.65
N THR A 273 -1.15 3.08 -3.46
CA THR A 273 -1.82 4.16 -4.17
C THR A 273 -3.01 4.85 -3.52
N SER A 274 -3.38 4.36 -2.36
CA SER A 274 -4.45 4.79 -1.47
C SER A 274 -4.08 4.38 -0.03
N PRO A 275 -3.04 5.04 0.46
CA PRO A 275 -2.51 4.84 1.80
C PRO A 275 -3.50 5.18 2.90
N GLY A 276 -3.24 4.52 4.03
CA GLY A 276 -4.05 4.72 5.23
C GLY A 276 -3.91 6.20 5.66
N MET A 277 -4.90 6.62 6.40
CA MET A 277 -5.03 7.97 6.93
C MET A 277 -5.74 7.97 8.29
N THR A 278 -5.41 6.93 9.03
CA THR A 278 -5.92 6.71 10.38
C THR A 278 -4.93 7.42 11.33
N SER A 279 -5.22 7.35 12.61
CA SER A 279 -4.42 7.95 13.67
C SER A 279 -3.13 7.21 13.97
N HIS A 280 -2.84 6.21 13.18
CA HIS A 280 -1.69 5.31 13.25
C HIS A 280 -0.98 5.30 11.90
N SER A 281 -1.67 5.78 10.88
CA SER A 281 -1.08 5.75 9.52
C SER A 281 0.15 6.62 9.37
N LEU A 282 0.97 6.15 8.46
CA LEU A 282 2.26 6.64 8.02
C LEU A 282 2.24 7.91 7.20
N VAL A 283 1.49 7.97 6.12
CA VAL A 283 1.48 9.23 5.35
C VAL A 283 1.34 10.42 6.29
N PRO A 284 0.26 10.46 7.05
CA PRO A 284 -0.03 11.52 8.02
C PRO A 284 1.14 11.96 8.86
N MET A 285 1.98 11.02 9.22
CA MET A 285 3.18 11.19 10.03
C MET A 285 4.25 11.91 9.19
N ALA A 286 4.41 11.42 7.97
CA ALA A 286 5.38 12.01 7.05
C ALA A 286 5.08 13.49 6.84
N ALA A 287 3.82 13.81 6.67
CA ALA A 287 3.35 15.17 6.43
C ALA A 287 3.54 16.09 7.61
N ARG A 288 3.06 15.74 8.79
CA ARG A 288 3.22 16.57 10.00
C ARG A 288 4.69 16.98 10.15
N GLN A 289 5.58 16.08 9.81
CA GLN A 289 7.04 16.34 9.90
C GLN A 289 7.40 17.45 8.90
N ALA A 290 6.81 17.36 7.73
CA ALA A 290 6.96 18.31 6.62
C ALA A 290 6.11 19.55 6.97
N GLY A 291 5.84 19.67 8.27
CA GLY A 291 5.11 20.74 8.86
C GLY A 291 3.74 21.05 8.34
N MET A 292 3.00 20.04 7.92
CA MET A 292 1.63 20.27 7.42
C MET A 292 0.68 19.65 8.45
N SER A 293 -0.56 20.11 8.35
CA SER A 293 -1.61 19.59 9.26
C SER A 293 -2.41 18.57 8.44
N PHE A 294 -3.27 17.85 9.12
CA PHE A 294 -4.09 16.87 8.39
C PHE A 294 -4.99 17.47 7.34
N SER A 295 -5.47 18.69 7.43
CA SER A 295 -6.38 19.19 6.38
C SER A 295 -5.64 19.78 5.20
N GLN A 296 -4.38 20.07 5.39
CA GLN A 296 -3.50 20.63 4.38
C GLN A 296 -3.05 19.49 3.45
N LEU A 297 -2.84 18.34 4.08
CA LEU A 297 -2.38 17.15 3.35
C LEU A 297 -3.51 16.67 2.44
N VAL A 298 -4.58 16.28 3.07
CA VAL A 298 -5.83 15.78 2.49
C VAL A 298 -6.32 16.77 1.44
N VAL A 299 -6.18 18.05 1.76
CA VAL A 299 -6.60 19.11 0.82
C VAL A 299 -5.64 19.27 -0.34
N ARG A 300 -4.34 19.10 -0.11
CA ARG A 300 -3.32 19.18 -1.15
C ARG A 300 -3.43 17.97 -2.10
N ILE A 301 -3.94 16.91 -1.50
CA ILE A 301 -4.17 15.64 -2.17
C ILE A 301 -5.32 15.81 -3.17
N LEU A 302 -6.24 16.67 -2.84
CA LEU A 302 -7.42 16.94 -3.68
C LEU A 302 -7.09 17.93 -4.81
N GLU A 303 -6.06 18.70 -4.53
CA GLU A 303 -5.58 19.73 -5.46
C GLU A 303 -4.95 19.05 -6.68
N LEU A 304 -4.59 17.81 -6.45
CA LEU A 304 -4.00 16.91 -7.41
C LEU A 304 -5.02 16.02 -8.12
N ALA A 305 -6.24 16.02 -7.66
CA ALA A 305 -7.35 15.25 -8.21
C ALA A 305 -7.47 15.54 -9.71
N ASP A 306 -7.28 14.48 -10.47
CA ASP A 306 -7.37 14.51 -11.94
C ASP A 306 -7.99 13.18 -12.43
#